data_6V6F
#
_entry.id   6V6F
#
_cell.length_a   72.011
_cell.length_b   70.240
_cell.length_c   79.700
_cell.angle_alpha   90.000
_cell.angle_beta   100.670
_cell.angle_gamma   90.000
#
_symmetry.space_group_name_H-M   'P 1 21 1'
#
loop_
_entity.id
_entity.type
_entity.pdbx_description
1 polymer 'Sprouty-related, EVH1 domain-containing protein 1'
2 polymer Neurofibromin
3 polymer 'GTPase KRas'
4 non-polymer 'ZINC ION'
5 non-polymer 'FORMIC ACID'
6 non-polymer 'PHOSPHOAMINOPHOSPHONIC ACID-GUANYLATE ESTER'
7 non-polymer 'MAGNESIUM ION'
8 water water
#
loop_
_entity_poly.entity_id
_entity_poly.type
_entity_poly.pdbx_seq_one_letter_code
_entity_poly.pdbx_strand_id
1 'polypeptide(L)'
;SYARVRAVVMTRDDSSGGWLPLGGSGLSSVTVFKVPHQEENGCADFFIRGERLRDKMVVLECMLKKDLIYNKVTPTFHHW
KIDDKKFGLTFQSPADARAFDRGIRRAIEDISQ
;
A
2 'polypeptide(L)'
;GDRFERLVELVTMMGDQGELPIAMALANVVPCSQWDELARVLVTLFDSRHLLYQLLWNMFSKEVELADSMQTLFRGNSLA
SKIMTFCFKVYGATYLQKLLDPLLRIVITSSDWQHVSFEVDPTRLEPSESLEENQRNLLQMTEKFFHAIISSSSEFPPQL
RSVCHCLYQVVSQRFPQNSIGAVGSAMFLRFINPAIVSPYEAGILDKKPPPRIERGLKLMSKILQSIANHVLFTKEEHMR
PFNDFVKSNFDAARRFFLDIASDCPTSDAVNHSLSFISDGNVLALHRLLWNNQEKIGQYLSSNRDHKAVGRRPFDKMATL
LAYLGPPEH
;
B
3 'polypeptide(L)'
;GMTEYKLVVVGAGGVGKSALTIQLIQNHFVDEYDPTIEDSYRKQVVIDGETCLLDILDTAGLEEYSAMRDQYMRTGEGFL
CVFAINNTKSFEDIHHYREQIKRVKDSEDVPMVLVGNKCDLPSRTVDTKQAQDLARSYGIPFIETSAKTRQGVDDAFYTL
VREIRKHKEK
;
C
#
loop_
_chem_comp.id
_chem_comp.type
_chem_comp.name
_chem_comp.formula
FMT non-polymer 'FORMIC ACID' 'C H2 O2'
GNP non-polymer 'PHOSPHOAMINOPHOSPHONIC ACID-GUANYLATE ESTER' 'C10 H17 N6 O13 P3'
MG non-polymer 'MAGNESIUM ION' 'Mg 2'
ZN non-polymer 'ZINC ION' 'Zn 2'
#
# COMPACT_ATOMS: atom_id res chain seq x y z
N SER A 1 27.79 22.91 -21.22
CA SER A 1 28.09 22.30 -19.93
C SER A 1 28.10 20.78 -20.04
N TYR A 2 28.88 20.12 -19.17
CA TYR A 2 28.94 18.67 -19.16
C TYR A 2 27.67 18.04 -18.60
N ALA A 3 26.90 18.80 -17.82
CA ALA A 3 25.64 18.31 -17.27
C ALA A 3 24.82 19.50 -16.78
N ARG A 4 23.51 19.32 -16.73
CA ARG A 4 22.60 20.36 -16.26
C ARG A 4 21.34 19.67 -15.75
N VAL A 5 21.26 19.51 -14.43
CA VAL A 5 20.12 18.85 -13.80
C VAL A 5 19.47 19.83 -12.83
N ARG A 6 18.29 19.45 -12.38
CA ARG A 6 17.58 20.24 -11.36
C ARG A 6 17.59 19.33 -10.14
N ALA A 7 18.24 19.77 -9.09
CA ALA A 7 18.28 19.03 -7.84
C ALA A 7 18.50 20.00 -6.68
N VAL A 8 18.23 19.52 -5.47
CA VAL A 8 18.46 20.30 -4.27
C VAL A 8 19.84 19.97 -3.73
N VAL A 9 20.52 20.99 -3.20
CA VAL A 9 21.90 20.86 -2.71
C VAL A 9 21.88 20.66 -1.21
N MET A 10 22.72 19.74 -0.73
CA MET A 10 22.74 19.33 0.67
C MET A 10 24.08 19.67 1.30
N THR A 11 24.05 19.96 2.60
CA THR A 11 25.24 20.12 3.40
C THR A 11 25.17 19.15 4.58
N ARG A 12 26.32 18.94 5.20
CA ARG A 12 26.38 17.99 6.32
C ARG A 12 26.77 18.70 7.61
N ASP A 13 25.79 18.89 8.50
CA ASP A 13 26.08 19.52 9.82
C ASP A 13 26.53 18.40 10.75
N ASP A 14 27.80 18.46 11.19
CA ASP A 14 28.38 17.44 12.05
C ASP A 14 27.68 17.39 13.40
N SER A 15 27.25 18.54 13.92
CA SER A 15 26.49 18.55 15.17
C SER A 15 25.11 17.91 14.97
N SER A 16 24.46 18.39 13.90
CA SER A 16 23.12 17.92 13.47
C SER A 16 23.24 16.46 13.07
N GLY A 17 24.32 16.10 12.35
CA GLY A 17 24.46 14.69 11.98
C GLY A 17 23.64 14.36 10.74
N GLY A 18 24.30 14.01 9.64
CA GLY A 18 23.53 13.73 8.41
C GLY A 18 23.41 14.95 7.54
N TRP A 19 22.76 14.77 6.40
CA TRP A 19 22.69 15.75 5.33
C TRP A 19 21.31 16.43 5.33
N LEU A 20 21.37 17.74 5.16
CA LEU A 20 20.20 18.64 5.17
C LEU A 20 20.28 19.53 3.95
N PRO A 21 19.17 20.03 3.41
CA PRO A 21 19.27 20.94 2.26
C PRO A 21 19.94 22.26 2.63
N LEU A 22 20.85 22.70 1.76
CA LEU A 22 21.56 23.96 1.94
C LEU A 22 20.83 25.07 1.19
N SER A 25 15.48 24.57 1.86
CA SER A 25 16.17 25.82 1.59
C SER A 25 16.13 26.18 0.10
N GLY A 26 15.42 25.39 -0.68
CA GLY A 26 15.24 25.69 -2.10
C GLY A 26 15.85 24.69 -3.06
N LEU A 27 15.10 24.36 -4.12
CA LEU A 27 15.64 23.56 -5.21
C LEU A 27 16.44 24.43 -6.16
N SER A 28 17.49 23.88 -6.75
CA SER A 28 18.43 24.64 -7.57
C SER A 28 18.68 23.91 -8.89
N SER A 29 19.32 24.62 -9.80
CA SER A 29 19.80 24.06 -11.06
C SER A 29 21.31 23.94 -10.96
N VAL A 30 21.81 22.71 -11.03
CA VAL A 30 23.23 22.41 -10.83
C VAL A 30 23.86 22.03 -12.17
N THR A 31 25.05 22.58 -12.43
CA THR A 31 25.76 22.32 -13.67
C THR A 31 27.21 21.99 -13.37
N VAL A 32 27.86 21.34 -14.33
CA VAL A 32 29.30 21.14 -14.35
C VAL A 32 29.81 21.61 -15.70
N PHE A 33 30.85 22.45 -15.68
CA PHE A 33 31.31 23.13 -16.87
C PHE A 33 32.81 23.39 -16.77
N LYS A 34 33.39 23.81 -17.89
CA LYS A 34 34.79 24.17 -17.96
C LYS A 34 34.93 25.63 -18.37
N VAL A 35 35.96 26.27 -17.84
CA VAL A 35 36.37 27.60 -18.29
C VAL A 35 37.84 27.49 -18.69
N PRO A 36 38.19 27.82 -19.93
CA PRO A 36 39.52 27.49 -20.43
C PRO A 36 40.59 28.49 -20.01
N HIS A 37 41.80 27.97 -19.82
CA HIS A 37 42.97 28.81 -19.70
C HIS A 37 43.36 29.27 -21.09
N GLN A 38 43.36 30.58 -21.33
CA GLN A 38 43.76 31.06 -22.68
C GLN A 38 42.78 30.57 -23.74
N GLU A 39 43.27 29.83 -24.74
CA GLU A 39 42.48 29.32 -25.89
C GLU A 39 41.34 28.40 -25.41
N GLU A 40 40.17 28.55 -26.01
CA GLU A 40 38.95 27.85 -25.60
C GLU A 40 39.12 26.34 -25.66
N ASN A 41 39.65 25.88 -26.81
CA ASN A 41 39.90 24.43 -27.01
C ASN A 41 41.28 24.07 -26.44
N GLY A 42 41.48 24.31 -25.14
CA GLY A 42 42.72 23.94 -24.49
C GLY A 42 42.52 23.58 -23.02
N CYS A 43 43.57 23.71 -22.22
CA CYS A 43 43.48 23.41 -20.80
C CYS A 43 42.48 24.33 -20.12
N ALA A 44 41.86 23.81 -19.05
CA ALA A 44 40.74 24.50 -18.42
C ALA A 44 40.64 24.11 -16.95
N ASP A 45 39.83 24.86 -16.22
CA ASP A 45 39.38 24.50 -14.88
C ASP A 45 37.94 24.01 -14.97
N PHE A 46 37.59 23.09 -14.08
CA PHE A 46 36.26 22.48 -14.07
C PHE A 46 35.59 22.73 -12.73
N PHE A 47 34.28 22.96 -12.77
CA PHE A 47 33.55 23.39 -11.59
C PHE A 47 32.21 22.69 -11.49
N ILE A 48 31.67 22.67 -10.28
CA ILE A 48 30.26 22.36 -10.00
C ILE A 48 29.62 23.65 -9.50
N ARG A 49 28.51 24.04 -10.11
CA ARG A 49 27.83 25.28 -9.75
C ARG A 49 26.34 25.04 -9.64
N GLY A 50 25.75 25.45 -8.53
CA GLY A 50 24.32 25.33 -8.34
C GLY A 50 23.69 26.62 -7.89
N GLU A 51 22.74 27.13 -8.66
CA GLU A 51 22.01 28.35 -8.32
C GLU A 51 20.54 28.03 -8.12
N ARG A 52 19.97 28.58 -7.06
CA ARG A 52 18.56 28.34 -6.75
C ARG A 52 17.67 29.00 -7.78
N LEU A 53 16.57 28.30 -8.12
CA LEU A 53 15.55 28.90 -8.97
C LEU A 53 14.71 29.91 -8.19
N ARG A 54 14.64 29.75 -6.87
CA ARG A 54 14.05 30.75 -5.99
C ARG A 54 14.57 32.14 -6.33
N ASP A 55 15.87 32.34 -6.17
CA ASP A 55 16.51 33.62 -6.55
C ASP A 55 17.68 33.17 -7.40
N LYS A 56 17.95 33.78 -8.55
CA LYS A 56 19.02 33.19 -9.37
C LYS A 56 20.34 33.59 -8.72
N MET A 57 20.77 32.83 -7.71
CA MET A 57 21.97 33.13 -6.94
C MET A 57 22.63 31.83 -6.52
N VAL A 58 23.96 31.83 -6.51
CA VAL A 58 24.74 30.59 -6.25
C VAL A 58 24.73 30.19 -4.76
N VAL A 59 24.42 28.92 -4.51
CA VAL A 59 24.50 28.32 -3.18
C VAL A 59 25.68 27.36 -3.03
N LEU A 60 26.26 26.90 -4.14
CA LEU A 60 27.43 26.05 -4.07
C LEU A 60 28.28 26.25 -5.32
N GLU A 61 29.58 26.46 -5.13
CA GLU A 61 30.55 26.47 -6.21
C GLU A 61 31.75 25.65 -5.78
N CYS A 62 32.06 24.61 -6.53
CA CYS A 62 33.15 23.70 -6.20
C CYS A 62 34.11 23.58 -7.38
N MET A 63 35.38 23.41 -7.07
CA MET A 63 36.42 23.21 -8.08
C MET A 63 36.80 21.74 -8.10
N LEU A 64 36.68 21.11 -9.28
CA LEU A 64 36.95 19.69 -9.40
C LEU A 64 38.45 19.42 -9.45
N LYS A 65 38.83 18.25 -8.96
CA LYS A 65 40.22 17.82 -8.93
C LYS A 65 40.35 16.44 -9.56
N LYS A 66 41.57 16.11 -9.97
CA LYS A 66 41.85 14.75 -10.45
C LYS A 66 41.67 13.73 -9.34
N ASP A 67 41.90 14.13 -8.09
CA ASP A 67 41.80 13.25 -6.94
C ASP A 67 40.46 13.35 -6.24
N LEU A 68 39.45 13.91 -6.90
CA LEU A 68 38.13 14.06 -6.30
C LEU A 68 37.48 12.69 -6.11
N ILE A 69 36.96 12.45 -4.91
CA ILE A 69 36.23 11.23 -4.59
C ILE A 69 34.74 11.55 -4.70
N TYR A 70 34.04 10.81 -5.55
CA TYR A 70 32.62 11.00 -5.79
C TYR A 70 31.87 9.81 -5.22
N ASN A 71 31.20 10.02 -4.09
CA ASN A 71 30.48 8.95 -3.39
C ASN A 71 29.05 8.87 -3.91
N LYS A 72 28.76 7.80 -4.63
CA LYS A 72 27.41 7.51 -5.09
C LYS A 72 26.81 6.48 -4.14
N VAL A 73 26.26 6.95 -3.01
CA VAL A 73 25.68 6.08 -1.94
C VAL A 73 24.38 5.37 -2.35
N THR A 74 23.39 6.11 -2.87
CA THR A 74 22.13 5.57 -3.35
C THR A 74 21.77 6.28 -4.66
N PRO A 75 20.89 5.68 -5.45
CA PRO A 75 20.30 6.44 -6.56
C PRO A 75 19.59 7.69 -6.03
N THR A 76 19.74 8.78 -6.76
CA THR A 76 19.22 10.11 -6.39
C THR A 76 19.88 10.65 -5.12
N PHE A 77 21.12 10.27 -4.84
CA PHE A 77 21.88 10.88 -3.75
C PHE A 77 23.35 10.59 -3.95
N HIS A 78 24.13 11.64 -4.23
CA HIS A 78 25.58 11.56 -4.27
C HIS A 78 26.16 12.69 -3.42
N HIS A 79 27.34 12.45 -2.86
CA HIS A 79 28.04 13.49 -2.12
C HIS A 79 29.54 13.30 -2.28
N TRP A 80 30.28 14.36 -1.95
CA TRP A 80 31.72 14.35 -2.11
C TRP A 80 32.34 15.23 -1.03
N LYS A 81 33.68 15.21 -0.99
CA LYS A 81 34.43 15.96 0.00
C LYS A 81 35.46 16.84 -0.71
N ILE A 82 35.42 18.13 -0.43
CA ILE A 82 36.37 19.08 -1.01
C ILE A 82 37.00 19.87 0.14
N ASP A 83 38.32 19.73 0.31
CA ASP A 83 39.07 20.38 1.38
C ASP A 83 38.49 20.04 2.74
N ASP A 84 37.89 21.02 3.43
CA ASP A 84 37.37 20.80 4.77
C ASP A 84 35.87 20.52 4.80
N LYS A 85 35.11 20.97 3.81
CA LYS A 85 33.66 20.80 3.83
C LYS A 85 33.23 19.59 3.01
N LYS A 86 31.99 19.18 3.22
CA LYS A 86 31.38 18.06 2.51
C LYS A 86 30.13 18.53 1.81
N PHE A 87 30.02 18.22 0.52
CA PHE A 87 28.90 18.68 -0.30
C PHE A 87 28.24 17.49 -0.98
N GLY A 88 26.95 17.63 -1.29
CA GLY A 88 26.22 16.58 -1.97
C GLY A 88 24.88 17.07 -2.43
N LEU A 89 24.26 16.26 -3.30
CA LEU A 89 22.96 16.57 -3.88
C LEU A 89 22.06 15.34 -3.84
N THR A 90 20.76 15.58 -3.78
CA THR A 90 19.75 14.54 -3.98
C THR A 90 18.95 14.89 -5.23
N PHE A 91 18.77 13.90 -6.11
CA PHE A 91 18.16 14.13 -7.41
C PHE A 91 16.68 13.75 -7.41
N GLN A 92 15.95 14.27 -8.38
CA GLN A 92 14.54 13.97 -8.53
C GLN A 92 14.27 12.65 -9.21
N SER A 93 15.29 12.04 -9.82
CA SER A 93 15.13 10.78 -10.54
C SER A 93 16.49 10.11 -10.65
N PRO A 94 16.55 8.78 -10.60
CA PRO A 94 17.84 8.10 -10.79
C PRO A 94 18.46 8.37 -12.16
N ALA A 95 17.64 8.57 -13.19
CA ALA A 95 18.17 8.92 -14.50
C ALA A 95 18.87 10.27 -14.47
N ASP A 96 18.35 11.21 -13.66
CA ASP A 96 19.06 12.47 -13.46
C ASP A 96 20.35 12.27 -12.69
N ALA A 97 20.34 11.34 -11.72
CA ALA A 97 21.56 11.05 -10.97
C ALA A 97 22.62 10.43 -11.88
N ARG A 98 22.20 9.72 -12.93
CA ARG A 98 23.17 9.13 -13.85
C ARG A 98 23.69 10.15 -14.85
N ALA A 99 22.80 11.00 -15.38
CA ALA A 99 23.23 12.01 -16.34
C ALA A 99 24.18 13.03 -15.71
N PHE A 100 24.02 13.30 -14.42
CA PHE A 100 24.96 14.19 -13.74
C PHE A 100 26.26 13.49 -13.43
N ASP A 101 26.21 12.19 -13.10
CA ASP A 101 27.43 11.43 -12.87
C ASP A 101 28.22 11.24 -14.16
N ARG A 102 27.54 11.23 -15.31
CA ARG A 102 28.24 11.14 -16.59
C ARG A 102 29.05 12.41 -16.87
N GLY A 103 28.58 13.57 -16.40
CA GLY A 103 29.28 14.80 -16.65
C GLY A 103 30.47 15.02 -15.74
N ILE A 104 30.40 14.50 -14.52
CA ILE A 104 31.52 14.60 -13.59
C ILE A 104 32.63 13.63 -13.99
N ARG A 105 32.26 12.43 -14.45
CA ARG A 105 33.26 11.46 -14.88
C ARG A 105 34.03 11.96 -16.08
N ARG A 106 33.35 12.60 -17.03
CA ARG A 106 34.02 13.10 -18.23
C ARG A 106 34.74 14.42 -17.99
N ALA A 107 34.27 15.23 -17.04
CA ALA A 107 34.96 16.48 -16.75
C ALA A 107 36.30 16.24 -16.08
N ILE A 108 36.42 15.18 -15.30
CA ILE A 108 37.71 14.86 -14.67
C ILE A 108 38.68 14.31 -15.71
N GLU A 109 38.17 13.56 -16.70
CA GLU A 109 39.04 12.96 -17.71
C GLU A 109 39.69 14.01 -18.60
N ASP A 110 39.14 15.22 -18.67
CA ASP A 110 39.68 16.28 -19.51
C ASP A 110 40.58 17.25 -18.75
N ILE A 111 40.81 17.02 -17.46
CA ILE A 111 41.51 18.02 -16.64
C ILE A 111 42.94 18.21 -17.14
N SER A 112 43.67 17.12 -17.33
CA SER A 112 45.06 17.15 -17.81
C SER A 112 45.98 17.98 -16.91
N PHE B 4 12.74 30.35 11.73
CA PHE B 4 11.80 29.98 12.78
C PHE B 4 12.12 28.60 13.36
N GLU B 5 11.13 27.97 13.97
CA GLU B 5 11.27 26.61 14.46
C GLU B 5 11.21 25.58 13.33
N ARG B 6 11.10 26.03 12.08
CA ARG B 6 10.97 25.12 10.93
C ARG B 6 12.12 24.14 10.83
N LEU B 7 13.20 24.32 11.59
CA LEU B 7 14.25 23.30 11.66
C LEU B 7 13.73 22.02 12.29
N VAL B 8 12.58 22.06 12.98
CA VAL B 8 11.96 20.85 13.47
C VAL B 8 11.52 19.96 12.30
N GLU B 9 11.08 20.58 11.21
CA GLU B 9 10.72 19.84 10.00
C GLU B 9 11.93 19.25 9.30
N LEU B 10 13.14 19.43 9.83
CA LEU B 10 14.33 18.84 9.24
C LEU B 10 14.46 17.39 9.65
N VAL B 11 13.33 16.70 9.80
CA VAL B 11 13.32 15.25 9.94
C VAL B 11 13.88 14.59 8.69
N THR B 12 13.90 15.32 7.57
CA THR B 12 14.46 14.92 6.28
C THR B 12 15.98 14.79 6.31
N MET B 13 16.62 14.85 7.47
CA MET B 13 18.06 14.65 7.52
C MET B 13 18.41 13.25 7.03
N MET B 14 19.45 13.17 6.20
CA MET B 14 19.86 11.92 5.58
C MET B 14 21.27 11.57 6.03
N GLY B 15 21.44 10.35 6.54
CA GLY B 15 22.74 9.95 7.03
C GLY B 15 23.69 9.55 5.92
N ASP B 16 24.98 9.63 6.23
CA ASP B 16 26.04 9.38 5.23
C ASP B 16 25.91 7.97 4.72
N GLN B 17 26.09 7.75 3.42
CA GLN B 17 26.09 6.38 2.82
C GLN B 17 24.84 5.64 3.27
N GLY B 18 23.68 6.27 3.11
CA GLY B 18 22.41 5.70 3.56
C GLY B 18 21.41 6.82 3.60
N GLU B 19 20.47 6.79 4.52
CA GLU B 19 19.52 7.90 4.54
C GLU B 19 18.49 7.68 5.64
N LEU B 20 17.79 8.77 5.98
CA LEU B 20 16.61 8.82 6.85
C LEU B 20 16.80 8.08 8.17
N PRO B 21 17.50 8.66 9.15
CA PRO B 21 17.55 8.04 10.48
C PRO B 21 16.35 8.37 11.33
N ILE B 22 15.91 9.64 11.30
CA ILE B 22 14.85 10.09 12.19
C ILE B 22 13.51 9.46 11.81
N ALA B 23 13.20 9.42 10.51
CA ALA B 23 11.92 8.88 10.07
C ALA B 23 11.84 7.38 10.32
N MET B 24 12.92 6.64 10.03
CA MET B 24 12.91 5.20 10.24
C MET B 24 12.79 4.85 11.72
N ALA B 25 13.44 5.64 12.59
CA ALA B 25 13.29 5.43 14.02
C ALA B 25 11.86 5.72 14.45
N LEU B 26 11.30 6.83 13.97
CA LEU B 26 9.90 7.17 14.21
C LEU B 26 8.96 6.14 13.56
N ALA B 27 9.44 5.40 12.56
CA ALA B 27 8.58 4.42 11.91
C ALA B 27 8.35 3.21 12.79
N ASN B 28 9.36 2.78 13.54
CA ASN B 28 9.24 1.61 14.41
C ASN B 28 8.74 1.96 15.80
N VAL B 29 8.61 3.24 16.13
CA VAL B 29 8.19 3.68 17.45
C VAL B 29 6.71 4.07 17.48
N VAL B 30 6.25 4.78 16.46
CA VAL B 30 4.88 5.28 16.45
C VAL B 30 3.91 4.11 16.47
N PRO B 31 2.86 4.15 17.30
CA PRO B 31 1.90 3.03 17.36
C PRO B 31 1.22 2.80 16.02
N CYS B 32 0.70 1.58 15.86
CA CYS B 32 0.13 1.16 14.59
C CYS B 32 -1.17 1.90 14.25
N SER B 33 -1.89 2.37 15.27
CA SER B 33 -3.17 3.04 15.02
C SER B 33 -3.00 4.37 14.32
N GLN B 34 -1.81 4.98 14.38
CA GLN B 34 -1.53 6.25 13.75
C GLN B 34 -0.79 6.12 12.43
N TRP B 35 -0.52 4.90 11.97
CA TRP B 35 0.21 4.73 10.72
C TRP B 35 -0.54 5.33 9.53
N ASP B 36 -1.87 5.40 9.60
CA ASP B 36 -2.63 6.10 8.57
C ASP B 36 -2.27 7.58 8.55
N GLU B 37 -2.22 8.21 9.72
CA GLU B 37 -1.81 9.60 9.79
C GLU B 37 -0.31 9.75 9.53
N LEU B 38 0.49 8.77 9.95
CA LEU B 38 1.94 8.89 9.78
C LEU B 38 2.33 8.86 8.30
N ALA B 39 1.71 7.97 7.52
CA ALA B 39 1.99 7.92 6.09
C ALA B 39 1.61 9.22 5.39
N ARG B 40 0.72 10.02 5.98
CA ARG B 40 0.34 11.28 5.36
C ARG B 40 1.36 12.38 5.66
N VAL B 41 1.87 12.44 6.89
CA VAL B 41 2.73 13.56 7.27
C VAL B 41 4.11 13.44 6.62
N LEU B 42 4.62 12.22 6.44
CA LEU B 42 5.93 12.06 5.84
C LEU B 42 5.89 12.33 4.33
N VAL B 43 4.90 11.78 3.64
CA VAL B 43 4.79 12.00 2.20
C VAL B 43 4.57 13.47 1.90
N THR B 44 3.77 14.16 2.72
CA THR B 44 3.44 15.55 2.44
C THR B 44 4.64 16.46 2.62
N LEU B 45 5.39 16.20 3.68
CA LEU B 45 6.57 17.00 4.05
C LEU B 45 7.68 16.75 3.04
N PHE B 46 8.03 15.49 2.84
CA PHE B 46 9.13 15.13 1.97
C PHE B 46 8.90 15.61 0.54
N ASP B 47 7.69 15.40 0.02
CA ASP B 47 7.35 15.93 -1.30
C ASP B 47 7.42 17.45 -1.32
N SER B 48 7.08 18.09 -0.20
CA SER B 48 7.20 19.54 -0.13
C SER B 48 8.65 20.00 -0.18
N ARG B 49 9.58 19.12 0.14
CA ARG B 49 11.01 19.50 0.11
C ARG B 49 11.73 18.83 -1.05
N HIS B 50 11.01 18.30 -2.02
CA HIS B 50 11.57 17.61 -3.18
C HIS B 50 12.47 16.46 -2.77
N LEU B 51 12.12 15.77 -1.69
CA LEU B 51 12.84 14.58 -1.23
C LEU B 51 11.94 13.36 -1.17
N LEU B 52 10.85 13.36 -1.92
CA LEU B 52 9.96 12.20 -1.81
C LEU B 52 10.67 10.93 -2.27
N TYR B 53 11.38 10.97 -3.39
CA TYR B 53 11.96 9.73 -3.90
C TYR B 53 12.84 9.06 -2.85
N GLN B 54 13.60 9.86 -2.10
CA GLN B 54 14.44 9.28 -1.04
C GLN B 54 13.61 8.68 0.08
N LEU B 55 12.41 9.23 0.31
CA LEU B 55 11.51 8.62 1.29
C LEU B 55 11.00 7.28 0.79
N LEU B 56 10.55 7.23 -0.46
CA LEU B 56 10.06 5.98 -1.02
C LEU B 56 11.18 4.95 -1.15
N TRP B 57 12.40 5.40 -1.45
CA TRP B 57 13.50 4.47 -1.61
C TRP B 57 13.83 3.78 -0.29
N ASN B 58 13.72 4.51 0.82
CA ASN B 58 14.02 3.94 2.13
C ASN B 58 12.91 3.01 2.61
N MET B 59 11.66 3.46 2.52
CA MET B 59 10.55 2.68 3.05
C MET B 59 10.32 1.41 2.22
N PHE B 60 10.36 1.53 0.89
CA PHE B 60 10.16 0.36 0.05
C PHE B 60 11.31 -0.64 0.21
N SER B 61 12.52 -0.14 0.48
CA SER B 61 13.65 -1.06 0.68
C SER B 61 13.46 -1.88 1.96
N LYS B 62 13.04 -1.23 3.05
CA LYS B 62 12.85 -1.95 4.30
C LYS B 62 11.78 -3.03 4.16
N GLU B 63 10.77 -2.81 3.33
CA GLU B 63 9.72 -3.81 3.17
C GLU B 63 10.20 -5.00 2.35
N VAL B 64 11.00 -4.75 1.31
CA VAL B 64 11.46 -5.85 0.47
C VAL B 64 12.62 -6.62 1.10
N GLU B 65 13.35 -6.01 2.05
CA GLU B 65 14.36 -6.75 2.79
C GLU B 65 13.73 -7.64 3.86
N LEU B 66 12.59 -7.23 4.40
CA LEU B 66 11.94 -7.95 5.50
C LEU B 66 10.98 -9.03 5.02
N ALA B 67 10.55 -8.98 3.77
CA ALA B 67 9.58 -9.96 3.26
C ALA B 67 10.23 -11.33 3.12
N ASP B 68 9.42 -12.38 3.32
CA ASP B 68 9.91 -13.73 3.16
C ASP B 68 9.92 -14.15 1.69
N SER B 69 8.82 -13.92 0.99
CA SER B 69 8.70 -14.23 -0.42
C SER B 69 8.18 -13.02 -1.18
N MET B 70 8.39 -13.03 -2.49
CA MET B 70 7.90 -11.94 -3.34
C MET B 70 6.37 -11.92 -3.40
N GLN B 71 5.71 -13.03 -3.11
CA GLN B 71 4.26 -13.13 -3.15
C GLN B 71 3.59 -12.45 -1.95
N THR B 72 4.36 -11.92 -1.01
CA THR B 72 3.81 -11.27 0.18
C THR B 72 4.09 -9.77 0.21
N LEU B 73 4.72 -9.27 -0.85
CA LEU B 73 5.15 -7.86 -0.81
C LEU B 73 3.99 -6.91 -1.04
N PHE B 74 3.81 -5.97 -0.09
CA PHE B 74 2.85 -4.89 -0.24
C PHE B 74 1.42 -5.40 -0.44
N ARG B 75 1.10 -6.54 0.17
CA ARG B 75 -0.25 -7.08 0.17
C ARG B 75 -0.87 -7.07 1.56
N GLY B 76 -0.28 -6.31 2.48
CA GLY B 76 -0.82 -6.16 3.82
C GLY B 76 -1.07 -4.71 4.17
N ASN B 77 -1.11 -4.40 5.46
CA ASN B 77 -1.37 -3.05 5.94
C ASN B 77 -0.18 -2.44 6.67
N SER B 78 1.03 -2.78 6.25
CA SER B 78 2.23 -2.25 6.89
C SER B 78 2.37 -0.76 6.61
N LEU B 79 3.28 -0.12 7.33
CA LEU B 79 3.52 1.31 7.15
C LEU B 79 4.02 1.61 5.75
N ALA B 80 4.95 0.80 5.24
CA ALA B 80 5.44 0.99 3.88
C ALA B 80 4.33 0.82 2.86
N SER B 81 3.36 -0.07 3.14
CA SER B 81 2.25 -0.24 2.21
C SER B 81 1.25 0.92 2.31
N LYS B 82 1.10 1.50 3.51
CA LYS B 82 0.21 2.65 3.66
C LYS B 82 0.78 3.89 2.99
N ILE B 83 2.11 4.05 3.02
CA ILE B 83 2.74 5.17 2.32
C ILE B 83 2.50 5.07 0.82
N MET B 84 2.55 3.86 0.28
CA MET B 84 2.32 3.67 -1.15
C MET B 84 0.88 3.98 -1.54
N THR B 85 -0.09 3.49 -0.75
CA THR B 85 -1.48 3.75 -1.04
C THR B 85 -1.81 5.24 -0.96
N PHE B 86 -1.17 5.95 -0.02
CA PHE B 86 -1.40 7.39 0.10
C PHE B 86 -0.89 8.13 -1.13
N CYS B 87 0.22 7.68 -1.71
CA CYS B 87 0.74 8.34 -2.91
C CYS B 87 -0.18 8.11 -4.10
N PHE B 88 -0.71 6.90 -4.26
CA PHE B 88 -1.70 6.66 -5.30
C PHE B 88 -2.92 7.55 -5.12
N LYS B 89 -3.33 7.77 -3.88
CA LYS B 89 -4.57 8.50 -3.61
C LYS B 89 -4.41 9.99 -3.93
N VAL B 90 -3.28 10.60 -3.59
CA VAL B 90 -3.14 12.04 -3.72
C VAL B 90 -2.67 12.49 -5.10
N TYR B 91 -1.99 11.61 -5.85
CA TYR B 91 -1.52 11.97 -7.18
C TYR B 91 -2.34 11.36 -8.30
N GLY B 92 -3.21 10.40 -8.00
CA GLY B 92 -3.93 9.69 -9.05
C GLY B 92 -5.44 9.70 -8.91
N ALA B 93 -5.95 10.36 -7.88
CA ALA B 93 -7.40 10.43 -7.71
C ALA B 93 -8.06 11.15 -8.87
N THR B 94 -7.47 12.27 -9.30
CA THR B 94 -7.97 12.96 -10.48
C THR B 94 -7.87 12.08 -11.71
N TYR B 95 -6.75 11.34 -11.84
CA TYR B 95 -6.60 10.40 -12.95
C TYR B 95 -7.65 9.31 -12.88
N LEU B 96 -7.84 8.72 -11.70
CA LEU B 96 -8.78 7.61 -11.57
C LEU B 96 -10.23 8.09 -11.67
N GLN B 97 -10.50 9.33 -11.27
CA GLN B 97 -11.86 9.85 -11.33
C GLN B 97 -12.31 9.98 -12.79
N LYS B 98 -11.57 10.75 -13.59
CA LYS B 98 -11.96 11.00 -14.97
C LYS B 98 -11.77 9.77 -15.86
N LEU B 99 -11.06 8.74 -15.39
CA LEU B 99 -10.96 7.52 -16.18
C LEU B 99 -12.15 6.60 -15.96
N LEU B 100 -12.65 6.53 -14.73
CA LEU B 100 -13.74 5.63 -14.40
C LEU B 100 -15.11 6.30 -14.42
N ASP B 101 -15.18 7.62 -14.27
CA ASP B 101 -16.47 8.29 -14.27
C ASP B 101 -17.25 8.08 -15.56
N PRO B 102 -16.69 8.30 -16.75
CA PRO B 102 -17.49 8.09 -17.97
C PRO B 102 -17.92 6.65 -18.16
N LEU B 103 -17.11 5.68 -17.74
CA LEU B 103 -17.51 4.29 -17.85
C LEU B 103 -18.62 3.95 -16.86
N LEU B 104 -18.48 4.39 -15.61
CA LEU B 104 -19.53 4.15 -14.62
C LEU B 104 -20.82 4.85 -15.00
N ARG B 105 -20.72 6.02 -15.64
CA ARG B 105 -21.93 6.70 -16.11
C ARG B 105 -22.58 5.96 -17.26
N ILE B 106 -21.80 5.16 -18.01
CA ILE B 106 -22.37 4.38 -19.11
C ILE B 106 -23.06 3.12 -18.59
N VAL B 107 -22.60 2.58 -17.45
CA VAL B 107 -23.23 1.38 -16.90
C VAL B 107 -24.50 1.73 -16.13
N ILE B 108 -24.45 2.77 -15.30
CA ILE B 108 -25.63 3.16 -14.53
C ILE B 108 -26.72 3.70 -15.44
N THR B 109 -26.34 4.72 -16.22
CA THR B 109 -27.25 5.38 -17.18
C THR B 109 -26.99 4.82 -18.59
N SER B 110 -28.06 4.32 -19.22
CA SER B 110 -28.05 3.72 -20.58
C SER B 110 -27.72 2.23 -20.59
N SER B 111 -27.55 1.61 -19.42
CA SER B 111 -27.33 0.17 -19.39
C SER B 111 -28.15 -0.53 -18.33
N ASP B 112 -28.32 0.14 -17.20
CA ASP B 112 -29.08 -0.46 -16.08
C ASP B 112 -30.55 -0.17 -16.29
N TRP B 113 -31.16 -0.92 -17.19
CA TRP B 113 -32.61 -0.87 -17.30
C TRP B 113 -33.17 -2.20 -17.78
N GLN B 114 -32.63 -2.76 -18.86
CA GLN B 114 -33.13 -4.03 -19.39
C GLN B 114 -32.69 -5.20 -18.51
N HIS B 115 -32.83 -5.05 -17.20
CA HIS B 115 -32.46 -6.09 -16.22
C HIS B 115 -31.01 -6.52 -16.43
N VAL B 116 -30.15 -5.52 -16.64
CA VAL B 116 -28.71 -5.85 -16.78
C VAL B 116 -28.38 -6.49 -15.43
N SER B 117 -27.84 -7.70 -15.48
CA SER B 117 -27.51 -8.46 -14.28
C SER B 117 -26.16 -9.14 -14.49
N PHE B 118 -25.29 -9.03 -13.47
CA PHE B 118 -23.98 -9.65 -13.52
C PHE B 118 -23.85 -10.82 -12.55
N GLU B 119 -24.96 -11.32 -12.03
CA GLU B 119 -24.93 -12.43 -11.08
C GLU B 119 -24.46 -13.70 -11.80
N VAL B 120 -23.26 -14.16 -11.45
CA VAL B 120 -22.66 -15.34 -12.07
C VAL B 120 -22.41 -16.45 -11.05
N ASP B 121 -22.90 -16.28 -9.82
CA ASP B 121 -22.87 -17.37 -8.84
C ASP B 121 -24.16 -18.16 -8.99
N PRO B 122 -24.13 -19.37 -9.56
CA PRO B 122 -25.39 -20.10 -9.81
C PRO B 122 -26.19 -20.37 -8.56
N THR B 123 -25.53 -20.51 -7.41
CA THR B 123 -26.23 -20.67 -6.14
C THR B 123 -27.05 -19.44 -5.77
N ARG B 124 -26.72 -18.28 -6.34
CA ARG B 124 -27.45 -17.04 -6.07
C ARG B 124 -28.18 -16.52 -7.30
N LEU B 125 -28.33 -17.36 -8.30
CA LEU B 125 -28.97 -16.86 -9.53
C LEU B 125 -30.49 -16.84 -9.40
N GLU B 126 -31.09 -15.74 -9.74
CA GLU B 126 -32.54 -15.63 -9.71
C GLU B 126 -33.13 -16.49 -10.82
N PRO B 127 -34.23 -17.20 -10.55
CA PRO B 127 -34.78 -18.12 -11.56
C PRO B 127 -35.16 -17.43 -12.87
N SER B 128 -35.57 -16.17 -12.83
CA SER B 128 -35.92 -15.46 -14.05
C SER B 128 -34.69 -15.06 -14.87
N GLU B 129 -33.49 -15.20 -14.31
CA GLU B 129 -32.27 -14.79 -14.99
C GLU B 129 -31.54 -16.00 -15.57
N SER B 130 -30.66 -15.72 -16.53
CA SER B 130 -29.85 -16.73 -17.20
C SER B 130 -28.38 -16.49 -16.86
N LEU B 131 -27.73 -17.55 -16.43
CA LEU B 131 -26.31 -17.54 -16.05
C LEU B 131 -25.47 -17.17 -17.26
N GLU B 132 -25.80 -17.75 -18.40
CA GLU B 132 -24.99 -17.58 -19.61
C GLU B 132 -25.00 -16.13 -20.08
N GLU B 133 -26.17 -15.51 -20.13
CA GLU B 133 -26.24 -14.10 -20.53
C GLU B 133 -25.70 -13.19 -19.43
N ASN B 134 -25.73 -13.63 -18.18
CA ASN B 134 -25.15 -12.83 -17.10
C ASN B 134 -23.63 -12.86 -17.16
N GLN B 135 -23.05 -14.02 -17.47
CA GLN B 135 -21.61 -14.07 -17.72
C GLN B 135 -21.23 -13.21 -18.92
N ARG B 136 -22.12 -13.10 -19.91
CA ARG B 136 -21.84 -12.26 -21.07
C ARG B 136 -21.77 -10.80 -20.68
N ASN B 137 -22.62 -10.38 -19.74
CA ASN B 137 -22.59 -8.99 -19.29
C ASN B 137 -21.35 -8.71 -18.45
N LEU B 138 -20.92 -9.67 -17.65
CA LEU B 138 -19.76 -9.42 -16.79
C LEU B 138 -18.50 -9.25 -17.63
N LEU B 139 -18.32 -10.07 -18.65
CA LEU B 139 -17.14 -9.93 -19.51
C LEU B 139 -17.23 -8.71 -20.40
N GLN B 140 -18.43 -8.34 -20.85
CA GLN B 140 -18.59 -7.14 -21.65
C GLN B 140 -18.19 -5.90 -20.86
N MET B 141 -18.64 -5.83 -19.60
CA MET B 141 -18.27 -4.70 -18.75
C MET B 141 -16.81 -4.75 -18.35
N THR B 142 -16.29 -5.96 -18.08
CA THR B 142 -14.90 -6.08 -17.66
C THR B 142 -13.94 -5.73 -18.78
N GLU B 143 -14.30 -6.07 -20.02
CA GLU B 143 -13.41 -5.81 -21.15
C GLU B 143 -13.24 -4.31 -21.38
N LYS B 144 -14.34 -3.56 -21.41
CA LYS B 144 -14.23 -2.13 -21.65
C LYS B 144 -13.54 -1.41 -20.50
N PHE B 145 -13.71 -1.89 -19.27
CA PHE B 145 -12.97 -1.32 -18.15
C PHE B 145 -11.49 -1.64 -18.25
N PHE B 146 -11.16 -2.89 -18.60
CA PHE B 146 -9.75 -3.27 -18.73
C PHE B 146 -9.08 -2.54 -19.88
N HIS B 147 -9.78 -2.48 -21.00
CA HIS B 147 -9.17 -1.82 -22.17
C HIS B 147 -8.95 -0.35 -21.84
N ALA B 148 -9.85 0.28 -21.13
CA ALA B 148 -9.71 1.70 -20.84
C ALA B 148 -8.53 1.98 -19.91
N ILE B 149 -8.20 1.03 -19.03
CA ILE B 149 -7.06 1.20 -18.14
C ILE B 149 -5.76 1.02 -18.90
N ILE B 150 -5.69 0.02 -19.78
CA ILE B 150 -4.47 -0.21 -20.55
C ILE B 150 -4.23 0.93 -21.54
N SER B 151 -5.30 1.59 -22.00
CA SER B 151 -5.20 2.67 -22.96
C SER B 151 -4.96 4.03 -22.32
N SER B 152 -4.86 4.10 -20.99
CA SER B 152 -4.60 5.35 -20.29
C SER B 152 -3.12 5.56 -20.01
N SER B 153 -2.24 4.97 -20.81
CA SER B 153 -0.81 5.07 -20.56
C SER B 153 -0.33 6.52 -20.66
N SER B 154 -0.83 7.25 -21.66
CA SER B 154 -0.37 8.63 -21.85
C SER B 154 -0.89 9.54 -20.74
N GLU B 155 -2.10 9.30 -20.26
CA GLU B 155 -2.74 10.14 -19.27
C GLU B 155 -2.37 9.78 -17.84
N PHE B 156 -1.37 8.92 -17.65
CA PHE B 156 -0.93 8.58 -16.31
C PHE B 156 -0.11 9.74 -15.73
N PRO B 157 -0.42 10.19 -14.52
CA PRO B 157 0.30 11.34 -13.95
C PRO B 157 1.77 11.02 -13.75
N PRO B 158 2.66 11.99 -13.99
CA PRO B 158 4.10 11.73 -13.85
C PRO B 158 4.51 11.43 -12.42
N GLN B 159 3.87 12.04 -11.42
CA GLN B 159 4.21 11.76 -10.04
C GLN B 159 3.95 10.30 -9.70
N LEU B 160 2.83 9.75 -10.17
CA LEU B 160 2.53 8.35 -9.94
C LEU B 160 3.47 7.46 -10.75
N ARG B 161 3.86 7.90 -11.95
CA ARG B 161 4.79 7.14 -12.76
C ARG B 161 6.15 7.02 -12.09
N SER B 162 6.51 7.99 -11.25
CA SER B 162 7.77 7.91 -10.50
C SER B 162 7.65 6.97 -9.31
N VAL B 163 6.48 6.91 -8.67
CA VAL B 163 6.30 6.00 -7.55
C VAL B 163 6.38 4.55 -8.02
N CYS B 164 5.77 4.24 -9.17
CA CYS B 164 5.83 2.87 -9.68
C CYS B 164 7.23 2.53 -10.17
N HIS B 165 7.93 3.49 -10.77
CA HIS B 165 9.31 3.26 -11.17
C HIS B 165 10.21 3.02 -9.96
N CYS B 166 9.99 3.78 -8.88
CA CYS B 166 10.75 3.56 -7.66
C CYS B 166 10.44 2.20 -7.07
N LEU B 167 9.16 1.84 -7.01
CA LEU B 167 8.76 0.52 -6.51
C LEU B 167 9.35 -0.58 -7.40
N TYR B 168 9.40 -0.34 -8.71
CA TYR B 168 9.94 -1.34 -9.62
C TYR B 168 11.43 -1.56 -9.41
N GLN B 169 12.16 -0.49 -9.10
CA GLN B 169 13.61 -0.61 -8.91
C GLN B 169 13.94 -1.24 -7.57
N VAL B 170 13.17 -0.91 -6.52
CA VAL B 170 13.46 -1.44 -5.19
C VAL B 170 13.27 -2.94 -5.16
N VAL B 171 12.16 -3.43 -5.74
CA VAL B 171 11.90 -4.86 -5.77
C VAL B 171 12.91 -5.57 -6.66
N SER B 172 13.36 -4.93 -7.73
CA SER B 172 14.28 -5.56 -8.67
C SER B 172 15.63 -5.89 -8.04
N GLN B 173 15.99 -5.23 -6.94
CA GLN B 173 17.27 -5.48 -6.30
C GLN B 173 17.27 -6.73 -5.44
N ARG B 174 16.14 -7.43 -5.33
CA ARG B 174 16.09 -8.73 -4.67
C ARG B 174 15.30 -9.78 -5.44
N PHE B 175 14.39 -9.38 -6.33
CA PHE B 175 13.63 -10.30 -7.17
C PHE B 175 13.73 -9.79 -8.61
N PRO B 176 14.84 -10.09 -9.29
CA PRO B 176 15.02 -9.52 -10.64
C PRO B 176 14.01 -10.04 -11.65
N GLN B 177 13.60 -11.30 -11.52
CA GLN B 177 12.68 -11.89 -12.50
C GLN B 177 11.25 -11.48 -12.19
N ASN B 178 10.60 -10.82 -13.15
CA ASN B 178 9.19 -10.46 -13.06
C ASN B 178 8.91 -9.55 -11.87
N SER B 179 9.86 -8.66 -11.56
CA SER B 179 9.62 -7.65 -10.53
C SER B 179 8.51 -6.70 -10.91
N ILE B 180 8.17 -6.63 -12.20
CA ILE B 180 7.05 -5.81 -12.66
C ILE B 180 5.72 -6.36 -12.15
N GLY B 181 5.67 -7.63 -11.76
CA GLY B 181 4.42 -8.21 -11.30
C GLY B 181 3.93 -7.59 -10.00
N ALA B 182 4.85 -7.28 -9.08
CA ALA B 182 4.45 -6.67 -7.82
C ALA B 182 3.97 -5.24 -8.02
N VAL B 183 4.45 -4.56 -9.06
CA VAL B 183 4.01 -3.20 -9.33
C VAL B 183 2.54 -3.19 -9.75
N GLY B 184 2.20 -3.98 -10.76
CA GLY B 184 0.83 -4.00 -11.25
C GLY B 184 -0.15 -4.63 -10.28
N SER B 185 0.30 -5.59 -9.48
CA SER B 185 -0.57 -6.21 -8.50
C SER B 185 -0.98 -5.21 -7.42
N ALA B 186 0.00 -4.59 -6.77
CA ALA B 186 -0.32 -3.60 -5.74
C ALA B 186 -1.06 -2.41 -6.31
N MET B 187 -0.80 -2.06 -7.58
CA MET B 187 -1.50 -0.93 -8.19
C MET B 187 -2.99 -1.22 -8.33
N PHE B 188 -3.33 -2.40 -8.85
CA PHE B 188 -4.75 -2.78 -8.95
C PHE B 188 -5.36 -3.05 -7.59
N LEU B 189 -4.60 -3.70 -6.71
CA LEU B 189 -5.17 -4.16 -5.43
C LEU B 189 -5.48 -3.00 -4.51
N ARG B 190 -4.62 -1.97 -4.49
CA ARG B 190 -4.69 -0.92 -3.49
C ARG B 190 -5.04 0.45 -4.05
N PHE B 191 -5.34 0.56 -5.34
CA PHE B 191 -5.64 1.85 -5.93
C PHE B 191 -6.83 1.78 -6.88
N ILE B 192 -6.78 0.91 -7.88
CA ILE B 192 -7.83 0.86 -8.88
C ILE B 192 -9.05 0.13 -8.36
N ASN B 193 -8.89 -1.14 -7.98
CA ASN B 193 -10.03 -1.95 -7.57
C ASN B 193 -10.78 -1.42 -6.36
N PRO B 194 -10.15 -0.85 -5.33
CA PRO B 194 -10.94 -0.23 -4.25
C PRO B 194 -11.87 0.87 -4.75
N ALA B 195 -11.45 1.64 -5.74
CA ALA B 195 -12.33 2.67 -6.30
C ALA B 195 -13.40 2.05 -7.19
N ILE B 196 -13.08 0.96 -7.88
CA ILE B 196 -14.07 0.30 -8.73
C ILE B 196 -15.19 -0.30 -7.88
N VAL B 197 -14.82 -0.95 -6.77
CA VAL B 197 -15.83 -1.58 -5.92
C VAL B 197 -16.71 -0.53 -5.25
N SER B 198 -16.10 0.53 -4.72
CA SER B 198 -16.80 1.57 -3.97
C SER B 198 -16.59 2.91 -4.63
N PRO B 199 -17.25 3.17 -5.76
CA PRO B 199 -17.04 4.45 -6.46
C PRO B 199 -17.56 5.65 -5.67
N TYR B 200 -18.69 5.50 -4.99
CA TYR B 200 -19.24 6.62 -4.21
C TYR B 200 -18.33 6.99 -3.05
N GLU B 201 -17.79 5.99 -2.35
CA GLU B 201 -16.87 6.26 -1.25
C GLU B 201 -15.56 6.85 -1.75
N ALA B 202 -15.11 6.45 -2.94
CA ALA B 202 -13.90 7.00 -3.52
C ALA B 202 -14.10 8.40 -4.08
N GLY B 203 -15.33 8.93 -4.07
CA GLY B 203 -15.61 10.23 -4.60
C GLY B 203 -15.79 10.30 -6.10
N ILE B 204 -15.77 9.17 -6.79
CA ILE B 204 -15.89 9.18 -8.25
C ILE B 204 -17.31 9.50 -8.67
N LEU B 205 -18.30 8.92 -7.97
CA LEU B 205 -19.70 9.11 -8.29
C LEU B 205 -20.39 9.92 -7.20
N ASP B 206 -21.55 10.49 -7.56
CA ASP B 206 -22.29 11.33 -6.63
C ASP B 206 -23.08 10.51 -5.63
N LYS B 207 -23.71 9.43 -6.08
CA LYS B 207 -24.44 8.52 -5.20
C LYS B 207 -24.02 7.08 -5.51
N LYS B 208 -24.37 6.20 -4.59
CA LYS B 208 -24.04 4.79 -4.77
C LYS B 208 -24.76 4.23 -5.99
N PRO B 209 -24.09 3.40 -6.79
CA PRO B 209 -24.74 2.79 -7.94
C PRO B 209 -25.85 1.85 -7.52
N PRO B 210 -26.78 1.53 -8.41
CA PRO B 210 -27.87 0.61 -8.08
C PRO B 210 -27.32 -0.74 -7.63
N PRO B 211 -28.12 -1.52 -6.89
CA PRO B 211 -27.60 -2.79 -6.36
C PRO B 211 -27.13 -3.77 -7.42
N ARG B 212 -27.80 -3.82 -8.58
CA ARG B 212 -27.37 -4.74 -9.63
C ARG B 212 -25.98 -4.40 -10.14
N ILE B 213 -25.60 -3.12 -10.08
CA ILE B 213 -24.29 -2.73 -10.58
C ILE B 213 -23.21 -2.90 -9.52
N GLU B 214 -23.54 -2.67 -8.24
CA GLU B 214 -22.57 -2.92 -7.18
C GLU B 214 -22.12 -4.38 -7.18
N ARG B 215 -23.05 -5.30 -7.40
CA ARG B 215 -22.68 -6.71 -7.51
C ARG B 215 -21.79 -6.97 -8.72
N GLY B 216 -22.02 -6.24 -9.81
CA GLY B 216 -21.20 -6.44 -11.00
C GLY B 216 -19.80 -5.87 -10.87
N LEU B 217 -19.69 -4.65 -10.32
CA LEU B 217 -18.38 -4.04 -10.12
C LEU B 217 -17.53 -4.87 -9.16
N LYS B 218 -18.15 -5.51 -8.17
CA LYS B 218 -17.41 -6.35 -7.24
C LYS B 218 -16.81 -7.55 -7.96
N LEU B 219 -17.59 -8.20 -8.82
CA LEU B 219 -17.09 -9.37 -9.54
C LEU B 219 -16.07 -8.97 -10.60
N MET B 220 -16.26 -7.81 -11.23
CA MET B 220 -15.32 -7.35 -12.24
C MET B 220 -13.95 -7.06 -11.63
N SER B 221 -13.94 -6.46 -10.44
CA SER B 221 -12.66 -6.18 -9.79
C SER B 221 -11.93 -7.46 -9.42
N LYS B 222 -12.67 -8.54 -9.15
CA LYS B 222 -12.04 -9.83 -8.91
C LYS B 222 -11.42 -10.39 -10.19
N ILE B 223 -12.08 -10.17 -11.33
CA ILE B 223 -11.52 -10.58 -12.61
C ILE B 223 -10.33 -9.71 -12.97
N LEU B 224 -10.44 -8.39 -12.74
CA LEU B 224 -9.33 -7.49 -13.02
C LEU B 224 -8.13 -7.77 -12.12
N GLN B 225 -8.38 -8.21 -10.88
CA GLN B 225 -7.27 -8.50 -9.99
C GLN B 225 -6.53 -9.77 -10.40
N SER B 226 -7.27 -10.78 -10.88
CA SER B 226 -6.63 -11.99 -11.37
C SER B 226 -5.77 -11.71 -12.59
N ILE B 227 -6.23 -10.82 -13.47
CA ILE B 227 -5.44 -10.45 -14.64
C ILE B 227 -4.15 -9.76 -14.21
N ALA B 228 -4.24 -8.84 -13.26
CA ALA B 228 -3.07 -8.12 -12.80
C ALA B 228 -2.11 -9.04 -12.05
N ASN B 229 -2.65 -10.01 -11.30
CA ASN B 229 -1.80 -10.94 -10.57
C ASN B 229 -1.13 -11.97 -11.48
N HIS B 230 -1.52 -12.02 -12.74
CA HIS B 230 -1.09 -13.07 -13.67
C HIS B 230 -1.33 -14.45 -13.06
N VAL B 231 -2.56 -14.63 -12.59
CA VAL B 231 -2.98 -15.92 -11.97
C VAL B 231 -4.41 -16.22 -12.37
N LEU B 232 -4.78 -17.50 -12.35
CA LEU B 232 -6.12 -17.96 -12.68
C LEU B 232 -6.97 -18.10 -11.42
N PHE B 233 -8.28 -18.17 -11.63
CA PHE B 233 -9.19 -18.47 -10.53
C PHE B 233 -9.08 -19.94 -10.16
N THR B 234 -8.89 -20.21 -8.87
CA THR B 234 -8.78 -21.58 -8.38
C THR B 234 -9.58 -21.86 -7.12
N LYS B 235 -10.18 -20.86 -6.47
CA LYS B 235 -10.90 -21.05 -5.21
C LYS B 235 -12.41 -21.15 -5.41
N GLU B 236 -13.03 -20.15 -6.02
CA GLU B 236 -14.45 -20.21 -6.34
C GLU B 236 -14.63 -20.91 -7.68
N GLU B 237 -15.48 -21.95 -7.71
CA GLU B 237 -15.75 -22.66 -8.96
C GLU B 237 -16.51 -21.78 -9.95
N HIS B 238 -17.36 -20.87 -9.47
CA HIS B 238 -18.14 -20.02 -10.36
C HIS B 238 -17.34 -18.87 -10.96
N MET B 239 -16.04 -18.80 -10.68
CA MET B 239 -15.16 -17.83 -11.32
C MET B 239 -14.27 -18.45 -12.39
N ARG B 240 -14.08 -19.77 -12.34
CA ARG B 240 -13.32 -20.46 -13.38
C ARG B 240 -13.84 -20.25 -14.80
N PRO B 241 -15.17 -20.12 -15.06
CA PRO B 241 -15.63 -19.83 -16.42
C PRO B 241 -14.97 -18.60 -17.05
N PHE B 242 -14.39 -17.72 -16.24
CA PHE B 242 -13.74 -16.53 -16.73
C PHE B 242 -12.22 -16.69 -16.89
N ASN B 243 -11.70 -17.91 -16.70
CA ASN B 243 -10.26 -18.11 -16.78
C ASN B 243 -9.73 -17.88 -18.19
N ASP B 244 -10.49 -18.28 -19.21
CA ASP B 244 -10.06 -18.06 -20.59
C ASP B 244 -9.95 -16.57 -20.89
N PHE B 245 -10.92 -15.78 -20.43
CA PHE B 245 -10.84 -14.33 -20.62
C PHE B 245 -9.68 -13.74 -19.84
N VAL B 246 -9.41 -14.29 -18.64
CA VAL B 246 -8.34 -13.75 -17.81
C VAL B 246 -6.98 -14.11 -18.39
N LYS B 247 -6.81 -15.36 -18.86
CA LYS B 247 -5.52 -15.80 -19.38
C LYS B 247 -5.15 -15.02 -20.65
N SER B 248 -6.13 -14.64 -21.46
CA SER B 248 -5.86 -13.91 -22.69
C SER B 248 -5.51 -12.45 -22.46
N ASN B 249 -5.66 -11.95 -21.23
CA ASN B 249 -5.36 -10.54 -20.92
C ASN B 249 -4.18 -10.39 -19.98
N PHE B 250 -3.45 -11.47 -19.68
CA PHE B 250 -2.29 -11.39 -18.81
C PHE B 250 -1.26 -10.40 -19.34
N ASP B 251 -0.73 -10.66 -20.54
CA ASP B 251 0.40 -9.89 -21.04
C ASP B 251 -0.01 -8.50 -21.52
N ALA B 252 -1.30 -8.27 -21.79
CA ALA B 252 -1.73 -6.92 -22.10
C ALA B 252 -1.63 -6.02 -20.88
N ALA B 253 -1.76 -6.58 -19.68
CA ALA B 253 -1.60 -5.79 -18.47
C ALA B 253 -0.14 -5.51 -18.17
N ARG B 254 0.75 -6.47 -18.46
CA ARG B 254 2.17 -6.26 -18.23
C ARG B 254 2.73 -5.16 -19.13
N ARG B 255 2.29 -5.12 -20.39
CA ARG B 255 2.73 -4.06 -21.28
C ARG B 255 2.33 -2.68 -20.74
N PHE B 256 1.16 -2.60 -20.10
CA PHE B 256 0.79 -1.37 -19.41
C PHE B 256 1.64 -1.17 -18.16
N PHE B 257 1.89 -2.24 -17.42
CA PHE B 257 2.69 -2.12 -16.20
C PHE B 257 4.13 -1.74 -16.52
N LEU B 258 4.71 -2.34 -17.56
CA LEU B 258 6.07 -2.00 -17.96
C LEU B 258 6.15 -0.55 -18.42
N ASP B 259 5.11 -0.05 -19.07
CA ASP B 259 5.07 1.35 -19.47
C ASP B 259 5.04 2.27 -18.25
N ILE B 260 4.30 1.87 -17.22
CA ILE B 260 4.12 2.74 -16.05
C ILE B 260 5.40 2.77 -15.21
N ALA B 261 6.07 1.63 -15.09
CA ALA B 261 7.24 1.53 -14.21
C ALA B 261 8.53 2.01 -14.86
N SER B 262 8.48 2.57 -16.06
CA SER B 262 9.66 3.09 -16.75
C SER B 262 9.59 4.61 -16.80
N ASP B 263 10.77 5.23 -16.70
CA ASP B 263 10.89 6.69 -16.75
C ASP B 263 10.06 7.37 -15.66
N PHE B 276 4.87 18.53 -7.72
CA PHE B 276 3.96 19.49 -8.31
C PHE B 276 2.73 19.67 -7.43
N ILE B 277 2.95 19.87 -6.13
CA ILE B 277 1.89 19.95 -5.14
C ILE B 277 2.10 21.19 -4.28
N SER B 278 1.20 21.37 -3.31
CA SER B 278 1.28 22.48 -2.36
C SER B 278 2.03 22.03 -1.11
N ASP B 279 2.02 22.86 -0.08
CA ASP B 279 2.65 22.52 1.18
C ASP B 279 1.65 21.87 2.12
N GLY B 280 2.15 21.40 3.26
CA GLY B 280 1.27 20.86 4.29
C GLY B 280 0.50 21.96 4.99
N ASN B 281 -0.70 21.59 5.45
CA ASN B 281 -1.58 22.59 6.10
C ASN B 281 -1.53 22.47 7.62
N VAL B 282 -0.96 23.53 8.23
CA VAL B 282 -0.96 23.73 9.71
C VAL B 282 -0.48 22.44 10.34
N LEU B 283 0.61 21.85 9.84
CA LEU B 283 0.95 20.53 10.39
C LEU B 283 1.66 20.68 11.73
N ALA B 284 0.90 20.44 12.82
CA ALA B 284 1.54 20.45 14.14
C ALA B 284 2.14 19.07 14.22
N LEU B 285 3.43 18.97 13.86
CA LEU B 285 4.16 17.69 13.85
C LEU B 285 4.68 17.37 15.26
N HIS B 286 4.54 18.32 16.19
CA HIS B 286 5.08 17.99 17.54
C HIS B 286 4.31 16.79 18.11
N ARG B 287 2.98 16.81 17.95
CA ARG B 287 2.11 15.82 18.61
C ARG B 287 2.65 14.44 18.28
N LEU B 288 2.89 14.18 17.00
CA LEU B 288 3.51 12.89 16.59
C LEU B 288 4.92 12.84 17.20
N LEU B 289 5.62 13.97 17.27
CA LEU B 289 7.01 13.98 17.73
C LEU B 289 7.12 13.82 19.23
N TRP B 290 6.27 14.53 20.00
CA TRP B 290 6.43 14.49 21.44
C TRP B 290 5.74 13.31 22.10
N ASN B 291 4.59 12.89 21.60
CA ASN B 291 3.90 11.74 22.21
C ASN B 291 4.60 10.42 21.94
N ASN B 292 5.80 10.45 21.32
CA ASN B 292 6.61 9.26 21.13
C ASN B 292 8.08 9.55 21.39
N GLN B 293 8.35 10.56 22.22
CA GLN B 293 9.73 11.06 22.47
C GLN B 293 10.53 10.21 23.47
N GLU B 294 9.97 9.14 24.03
CA GLU B 294 10.74 8.36 25.00
C GLU B 294 11.64 7.34 24.32
N LYS B 295 11.09 6.55 23.39
CA LYS B 295 11.82 5.43 22.82
C LYS B 295 12.32 5.69 21.40
N ILE B 296 12.37 6.95 20.97
CA ILE B 296 13.15 7.27 19.78
C ILE B 296 14.63 7.46 20.13
N GLY B 297 14.92 7.75 21.40
CA GLY B 297 16.30 7.92 21.83
C GLY B 297 16.95 6.59 22.20
N GLN B 298 16.17 5.70 22.82
CA GLN B 298 16.69 4.38 23.16
C GLN B 298 17.02 3.59 21.89
N TYR B 299 16.21 3.73 20.85
CA TYR B 299 16.38 2.96 19.63
C TYR B 299 17.62 3.42 18.90
N LEU B 300 18.62 2.53 18.80
CA LEU B 300 19.82 2.78 18.00
C LEU B 300 20.56 1.46 17.80
N ARG B 312 21.98 9.48 18.13
CA ARG B 312 23.06 10.46 17.97
C ARG B 312 22.56 11.90 17.84
N PRO B 313 21.63 12.19 16.91
CA PRO B 313 21.17 13.57 16.74
C PRO B 313 19.96 13.95 17.59
N PHE B 314 19.50 13.06 18.47
CA PHE B 314 18.29 13.32 19.24
C PHE B 314 18.43 14.56 20.12
N ASP B 315 19.66 14.86 20.54
CA ASP B 315 19.87 16.05 21.38
C ASP B 315 19.52 17.33 20.62
N LYS B 316 19.79 17.36 19.31
CA LYS B 316 19.51 18.56 18.53
C LYS B 316 18.02 18.87 18.51
N MET B 317 17.18 17.85 18.37
CA MET B 317 15.74 18.08 18.44
C MET B 317 15.25 18.13 19.88
N ALA B 318 15.90 17.40 20.79
CA ALA B 318 15.55 17.52 22.20
C ALA B 318 15.82 18.92 22.72
N THR B 319 16.83 19.59 22.18
CA THR B 319 17.04 21.00 22.48
C THR B 319 16.03 21.89 21.76
N LEU B 320 15.55 21.46 20.59
CA LEU B 320 14.57 22.23 19.85
C LEU B 320 13.27 22.35 20.62
N LEU B 321 12.73 21.22 21.07
CA LEU B 321 11.49 21.20 21.83
C LEU B 321 11.70 21.44 23.33
N ALA B 322 12.95 21.61 23.76
CA ALA B 322 13.17 22.22 25.07
C ALA B 322 12.84 23.70 25.03
N TYR B 323 13.01 24.32 23.87
CA TYR B 323 12.52 25.68 23.64
C TYR B 323 11.03 25.65 23.32
N LEU B 324 10.66 25.03 22.20
CA LEU B 324 9.27 24.92 21.79
C LEU B 324 8.54 23.94 22.68
N GLY B 325 7.61 24.44 23.50
CA GLY B 325 6.83 23.59 24.38
C GLY B 325 5.72 22.88 23.64
N PRO B 326 5.55 21.59 23.91
CA PRO B 326 4.46 20.82 23.30
C PRO B 326 3.11 21.36 23.75
N PRO B 327 2.19 21.60 22.82
CA PRO B 327 0.86 22.14 23.14
C PRO B 327 -0.01 21.14 23.88
N MET C 2 -33.55 -27.75 4.64
CA MET C 2 -32.36 -27.39 5.40
C MET C 2 -32.30 -25.89 5.67
N THR C 3 -32.09 -25.54 6.94
CA THR C 3 -31.98 -24.14 7.31
C THR C 3 -30.59 -23.60 6.96
N GLU C 4 -30.57 -22.39 6.41
CA GLU C 4 -29.32 -21.76 5.98
C GLU C 4 -28.77 -20.87 7.07
N TYR C 5 -27.46 -20.99 7.33
CA TYR C 5 -26.76 -20.15 8.29
C TYR C 5 -25.73 -19.33 7.52
N LYS C 6 -25.92 -18.01 7.51
CA LYS C 6 -25.04 -17.10 6.77
C LYS C 6 -23.88 -16.71 7.67
N LEU C 7 -22.71 -17.30 7.43
CA LEU C 7 -21.51 -16.99 8.19
C LEU C 7 -20.66 -15.98 7.43
N VAL C 8 -20.04 -15.07 8.17
CA VAL C 8 -19.15 -14.07 7.61
C VAL C 8 -17.85 -14.09 8.39
N VAL C 9 -16.73 -14.06 7.68
CA VAL C 9 -15.40 -14.14 8.28
C VAL C 9 -14.74 -12.77 8.15
N VAL C 10 -14.45 -12.14 9.28
CA VAL C 10 -13.82 -10.82 9.32
C VAL C 10 -12.51 -10.93 10.09
N GLY C 11 -11.71 -9.88 9.97
CA GLY C 11 -10.41 -9.83 10.62
C GLY C 11 -9.43 -9.04 9.81
N ALA C 12 -8.29 -8.74 10.43
CA ALA C 12 -7.24 -7.97 9.78
C ALA C 12 -6.62 -8.78 8.64
N GLY C 13 -5.86 -8.08 7.79
CA GLY C 13 -5.26 -8.74 6.65
C GLY C 13 -4.14 -9.67 7.06
N GLY C 14 -4.14 -10.87 6.45
CA GLY C 14 -3.10 -11.84 6.66
C GLY C 14 -3.25 -12.72 7.88
N VAL C 15 -4.41 -12.70 8.54
CA VAL C 15 -4.61 -13.51 9.75
C VAL C 15 -5.01 -14.94 9.45
N GLY C 16 -5.38 -15.25 8.20
CA GLY C 16 -5.77 -16.59 7.83
C GLY C 16 -7.24 -16.79 7.57
N LYS C 17 -7.98 -15.75 7.21
CA LYS C 17 -9.41 -15.89 6.95
C LYS C 17 -9.67 -16.86 5.79
N SER C 18 -8.85 -16.78 4.75
CA SER C 18 -9.06 -17.64 3.59
C SER C 18 -8.52 -19.04 3.82
N ALA C 19 -7.39 -19.17 4.52
CA ALA C 19 -6.85 -20.50 4.78
C ALA C 19 -7.75 -21.28 5.72
N LEU C 20 -8.39 -20.60 6.67
CA LEU C 20 -9.37 -21.27 7.52
C LEU C 20 -10.61 -21.66 6.74
N THR C 21 -11.07 -20.78 5.84
CA THR C 21 -12.26 -21.06 5.04
C THR C 21 -12.00 -22.21 4.06
N ILE C 22 -10.83 -22.21 3.41
CA ILE C 22 -10.53 -23.26 2.45
C ILE C 22 -10.37 -24.60 3.16
N GLN C 23 -9.76 -24.61 4.34
CA GLN C 23 -9.63 -25.85 5.09
C GLN C 23 -11.00 -26.40 5.47
N LEU C 24 -11.99 -25.54 5.63
CA LEU C 24 -13.35 -26.01 5.91
C LEU C 24 -14.01 -26.55 4.64
N ILE C 25 -13.88 -25.81 3.53
CA ILE C 25 -14.57 -26.18 2.30
C ILE C 25 -13.82 -27.27 1.54
N GLN C 26 -12.53 -27.06 1.29
CA GLN C 26 -11.76 -27.92 0.41
C GLN C 26 -10.74 -28.79 1.14
N ASN C 27 -10.59 -28.61 2.46
CA ASN C 27 -9.82 -29.51 3.31
C ASN C 27 -8.35 -29.59 2.89
N HIS C 28 -7.79 -28.46 2.48
CA HIS C 28 -6.37 -28.38 2.20
C HIS C 28 -5.86 -26.98 2.55
N PHE C 29 -4.61 -26.90 2.95
CA PHE C 29 -4.00 -25.66 3.40
C PHE C 29 -3.41 -24.91 2.21
N VAL C 30 -3.87 -23.68 2.02
CA VAL C 30 -3.33 -22.83 0.92
C VAL C 30 -2.08 -22.15 1.46
N ASP C 31 -0.92 -22.51 0.92
CA ASP C 31 0.35 -21.96 1.38
C ASP C 31 0.62 -20.56 0.83
N GLU C 32 -0.09 -20.14 -0.20
CA GLU C 32 0.14 -18.84 -0.82
C GLU C 32 -0.58 -17.73 -0.05
N TYR C 33 -0.23 -16.50 -0.39
CA TYR C 33 -0.84 -15.31 0.19
C TYR C 33 -1.53 -14.56 -0.95
N ASP C 34 -2.83 -14.81 -1.11
CA ASP C 34 -3.64 -14.18 -2.14
C ASP C 34 -4.71 -13.33 -1.47
N PRO C 35 -4.49 -12.02 -1.30
CA PRO C 35 -5.47 -11.18 -0.59
C PRO C 35 -6.79 -11.15 -1.32
N THR C 36 -7.86 -11.30 -0.54
CA THR C 36 -9.20 -11.44 -1.09
C THR C 36 -9.95 -10.12 -1.07
N ILE C 37 -10.77 -9.89 -2.11
CA ILE C 37 -11.71 -8.78 -2.14
C ILE C 37 -12.98 -9.24 -1.42
N GLU C 38 -13.64 -10.25 -2.00
CA GLU C 38 -14.78 -10.93 -1.34
C GLU C 38 -15.04 -12.32 -1.96
N ASP C 39 -14.93 -13.41 -1.20
CA ASP C 39 -15.21 -14.73 -1.71
C ASP C 39 -16.45 -15.31 -1.04
N SER C 40 -17.03 -16.31 -1.68
CA SER C 40 -18.26 -16.92 -1.21
C SER C 40 -18.21 -18.42 -1.43
N TYR C 41 -18.69 -19.17 -0.43
CA TYR C 41 -18.70 -20.63 -0.49
C TYR C 41 -20.00 -21.13 0.14
N ARG C 42 -20.20 -22.45 0.06
CA ARG C 42 -21.38 -23.08 0.60
C ARG C 42 -21.03 -24.53 0.98
N LYS C 43 -21.52 -24.96 2.14
CA LYS C 43 -21.21 -26.30 2.63
C LYS C 43 -22.38 -26.84 3.44
N GLN C 44 -22.72 -28.10 3.18
CA GLN C 44 -23.73 -28.81 3.95
C GLN C 44 -23.05 -29.61 5.06
N VAL C 45 -23.51 -29.37 6.28
CA VAL C 45 -22.93 -30.03 7.48
C VAL C 45 -24.03 -30.38 8.45
N VAL C 46 -23.71 -31.29 9.36
CA VAL C 46 -24.66 -31.72 10.44
C VAL C 46 -24.03 -31.28 11.76
N ILE C 47 -24.74 -30.44 12.51
CA ILE C 47 -24.25 -29.93 13.79
C ILE C 47 -25.33 -30.20 14.83
N ASP C 48 -24.96 -30.95 15.88
CA ASP C 48 -25.88 -31.32 16.96
C ASP C 48 -27.09 -32.07 16.45
N GLY C 49 -26.95 -32.78 15.33
CA GLY C 49 -28.01 -33.59 14.76
C GLY C 49 -28.84 -32.93 13.69
N GLU C 50 -28.60 -31.66 13.40
CA GLU C 50 -29.36 -30.92 12.39
C GLU C 50 -28.51 -30.77 11.13
N THR C 51 -29.01 -31.29 10.01
CA THR C 51 -28.36 -31.07 8.73
C THR C 51 -28.69 -29.68 8.22
N CYS C 52 -27.67 -28.91 7.87
CA CYS C 52 -27.86 -27.51 7.52
C CYS C 52 -26.84 -27.08 6.48
N LEU C 53 -27.12 -25.94 5.85
CA LEU C 53 -26.25 -25.36 4.84
C LEU C 53 -25.54 -24.15 5.43
N LEU C 54 -24.23 -24.06 5.18
CA LEU C 54 -23.41 -22.95 5.68
C LEU C 54 -23.10 -22.01 4.52
N ASP C 55 -23.71 -20.83 4.55
CA ASP C 55 -23.39 -19.77 3.60
C ASP C 55 -22.27 -18.94 4.20
N ILE C 56 -21.10 -18.96 3.56
CA ILE C 56 -19.87 -18.40 4.13
C ILE C 56 -19.39 -17.26 3.24
N LEU C 57 -19.12 -16.11 3.86
CA LEU C 57 -18.52 -14.98 3.19
C LEU C 57 -17.09 -14.79 3.69
N ASP C 58 -16.14 -14.75 2.78
CA ASP C 58 -14.75 -14.47 3.08
C ASP C 58 -14.47 -13.03 2.67
N THR C 59 -14.18 -12.18 3.65
CA THR C 59 -14.12 -10.74 3.44
C THR C 59 -12.67 -10.28 3.29
N ALA C 60 -12.52 -8.97 3.04
CA ALA C 60 -11.22 -8.38 2.76
C ALA C 60 -10.64 -7.80 4.05
N GLY C 61 -9.45 -8.25 4.42
CA GLY C 61 -8.75 -7.66 5.56
C GLY C 61 -8.00 -6.39 5.24
N LEU C 62 -7.80 -6.10 3.96
CA LEU C 62 -7.15 -4.87 3.57
C LEU C 62 -8.05 -3.68 3.88
N GLU C 63 -7.50 -2.67 4.56
CA GLU C 63 -8.29 -1.53 4.97
C GLU C 63 -8.73 -0.66 3.79
N GLU C 64 -8.14 -0.87 2.62
CA GLU C 64 -8.60 -0.14 1.43
C GLU C 64 -10.02 -0.55 1.04
N TYR C 65 -10.41 -1.78 1.37
CA TYR C 65 -11.74 -2.29 1.05
C TYR C 65 -12.67 -2.24 2.26
N SER C 66 -12.47 -1.28 3.16
CA SER C 66 -13.31 -1.17 4.35
C SER C 66 -14.71 -0.65 4.01
N ALA C 67 -14.88 0.00 2.86
CA ALA C 67 -16.19 0.51 2.47
C ALA C 67 -17.19 -0.59 2.16
N MET C 68 -16.74 -1.83 2.00
CA MET C 68 -17.64 -2.96 1.77
C MET C 68 -18.19 -3.56 3.04
N ARG C 69 -17.65 -3.19 4.21
CA ARG C 69 -18.03 -3.86 5.44
C ARG C 69 -19.50 -3.64 5.79
N ASP C 70 -20.07 -2.50 5.39
CA ASP C 70 -21.45 -2.20 5.74
C ASP C 70 -22.42 -3.22 5.12
N GLN C 71 -22.11 -3.73 3.93
CA GLN C 71 -23.07 -4.60 3.25
C GLN C 71 -23.10 -5.99 3.89
N TYR C 72 -21.94 -6.63 4.06
CA TYR C 72 -21.95 -7.99 4.58
C TYR C 72 -22.28 -8.02 6.07
N MET C 73 -22.00 -6.94 6.81
CA MET C 73 -22.49 -6.85 8.17
C MET C 73 -24.00 -6.68 8.22
N ARG C 74 -24.59 -6.17 7.13
CA ARG C 74 -26.03 -5.98 7.07
C ARG C 74 -26.78 -7.26 6.72
N THR C 75 -26.14 -8.17 5.98
CA THR C 75 -26.78 -9.40 5.55
C THR C 75 -26.32 -10.63 6.32
N GLY C 76 -25.17 -10.59 6.97
CA GLY C 76 -24.67 -11.75 7.69
C GLY C 76 -25.44 -11.99 8.98
N GLU C 77 -25.46 -13.25 9.40
CA GLU C 77 -26.10 -13.65 10.65
C GLU C 77 -25.10 -13.88 11.79
N GLY C 78 -23.94 -14.43 11.48
CA GLY C 78 -22.91 -14.63 12.48
C GLY C 78 -21.55 -14.35 11.88
N PHE C 79 -20.65 -13.83 12.72
CA PHE C 79 -19.37 -13.33 12.26
C PHE C 79 -18.24 -14.04 12.99
N LEU C 80 -17.32 -14.62 12.22
CA LEU C 80 -16.14 -15.27 12.79
C LEU C 80 -15.03 -14.24 12.86
N CYS C 81 -14.76 -13.74 14.07
CA CYS C 81 -13.73 -12.71 14.27
C CYS C 81 -12.37 -13.39 14.38
N VAL C 82 -11.51 -13.13 13.40
CA VAL C 82 -10.24 -13.86 13.26
C VAL C 82 -9.09 -12.91 13.50
N PHE C 83 -8.15 -13.32 14.36
CA PHE C 83 -6.89 -12.62 14.55
C PHE C 83 -5.78 -13.65 14.61
N ALA C 84 -4.57 -13.22 14.24
CA ALA C 84 -3.40 -14.09 14.32
C ALA C 84 -2.72 -13.91 15.66
N ILE C 85 -2.25 -15.02 16.24
CA ILE C 85 -1.74 -15.02 17.59
C ILE C 85 -0.32 -14.48 17.60
N ASN C 86 0.19 -14.12 16.43
CA ASN C 86 1.51 -13.54 16.27
C ASN C 86 1.45 -12.09 15.78
N ASN C 87 0.30 -11.44 15.94
CA ASN C 87 0.08 -10.07 15.48
C ASN C 87 -0.84 -9.37 16.49
N THR C 88 -0.27 -8.55 17.34
CA THR C 88 -1.06 -7.83 18.35
C THR C 88 -2.03 -6.88 17.66
N LYS C 89 -1.62 -6.24 16.59
CA LYS C 89 -2.49 -5.30 15.91
C LYS C 89 -3.79 -5.95 15.47
N SER C 90 -3.71 -7.17 14.93
CA SER C 90 -4.94 -7.86 14.53
C SER C 90 -5.77 -8.27 15.73
N PHE C 91 -5.14 -8.54 16.87
CA PHE C 91 -5.89 -8.88 18.06
C PHE C 91 -6.74 -7.70 18.53
N GLU C 92 -6.17 -6.50 18.50
CA GLU C 92 -6.93 -5.29 18.83
C GLU C 92 -7.81 -4.80 17.69
N ASP C 93 -7.53 -5.23 16.45
CA ASP C 93 -8.36 -4.82 15.33
C ASP C 93 -9.77 -5.38 15.42
N ILE C 94 -9.97 -6.47 16.17
CA ILE C 94 -11.27 -7.09 16.27
C ILE C 94 -12.29 -6.15 16.91
N HIS C 95 -11.83 -5.29 17.82
CA HIS C 95 -12.74 -4.34 18.46
C HIS C 95 -13.48 -3.48 17.44
N HIS C 96 -12.75 -2.96 16.44
CA HIS C 96 -13.38 -2.08 15.47
C HIS C 96 -14.32 -2.83 14.53
N TYR C 97 -14.11 -4.13 14.35
CA TYR C 97 -15.09 -4.93 13.61
C TYR C 97 -16.33 -5.19 14.45
N ARG C 98 -16.15 -5.47 15.75
CA ARG C 98 -17.28 -5.66 16.64
C ARG C 98 -18.19 -4.44 16.67
N GLU C 99 -17.61 -3.26 16.89
CA GLU C 99 -18.41 -2.06 17.08
C GLU C 99 -19.21 -1.69 15.84
N GLN C 100 -18.66 -1.96 14.65
CA GLN C 100 -19.41 -1.66 13.44
C GLN C 100 -20.52 -2.69 13.22
N ILE C 101 -20.31 -3.94 13.64
CA ILE C 101 -21.34 -4.95 13.52
C ILE C 101 -22.53 -4.59 14.41
N LYS C 102 -22.26 -4.25 15.67
CA LYS C 102 -23.34 -3.81 16.56
C LYS C 102 -24.04 -2.58 16.00
N ARG C 103 -23.28 -1.64 15.45
CA ARG C 103 -23.87 -0.41 14.93
C ARG C 103 -24.78 -0.67 13.75
N VAL C 104 -24.40 -1.59 12.87
CA VAL C 104 -25.22 -1.91 11.70
C VAL C 104 -26.42 -2.75 12.11
N LYS C 105 -26.22 -3.73 13.00
CA LYS C 105 -27.33 -4.56 13.45
C LYS C 105 -28.27 -3.80 14.39
N ASP C 106 -27.82 -2.66 14.93
CA ASP C 106 -28.58 -1.92 15.94
C ASP C 106 -28.95 -2.81 17.11
N SER C 107 -27.94 -3.51 17.63
CA SER C 107 -28.14 -4.49 18.68
C SER C 107 -26.80 -4.82 19.33
N GLU C 108 -26.84 -5.12 20.61
CA GLU C 108 -25.60 -5.46 21.34
C GLU C 108 -25.46 -6.98 21.40
N ASP C 109 -26.52 -7.72 21.11
CA ASP C 109 -26.31 -9.19 21.11
C ASP C 109 -26.24 -9.67 19.67
N VAL C 110 -25.05 -9.67 19.09
CA VAL C 110 -24.89 -10.18 17.69
C VAL C 110 -24.03 -11.42 17.82
N PRO C 111 -24.44 -12.57 17.25
CA PRO C 111 -23.70 -13.79 17.42
C PRO C 111 -22.36 -13.72 16.71
N MET C 112 -21.30 -14.08 17.40
CA MET C 112 -19.97 -14.08 16.80
C MET C 112 -19.05 -14.91 17.69
N VAL C 113 -17.86 -15.20 17.15
CA VAL C 113 -16.87 -16.04 17.82
C VAL C 113 -15.49 -15.45 17.59
N LEU C 114 -14.69 -15.38 18.65
CA LEU C 114 -13.31 -14.93 18.54
C LEU C 114 -12.42 -16.12 18.18
N VAL C 115 -11.61 -15.97 17.15
CA VAL C 115 -10.77 -17.04 16.62
C VAL C 115 -9.32 -16.56 16.58
N GLY C 116 -8.44 -17.27 17.27
CA GLY C 116 -7.02 -16.99 17.21
C GLY C 116 -6.30 -17.98 16.32
N ASN C 117 -5.96 -17.56 15.12
CA ASN C 117 -5.40 -18.45 14.11
C ASN C 117 -3.87 -18.50 14.23
N LYS C 118 -3.28 -19.43 13.45
CA LYS C 118 -1.83 -19.58 13.35
C LYS C 118 -1.23 -20.04 14.69
N CYS C 119 -1.96 -20.89 15.40
CA CYS C 119 -1.46 -21.44 16.66
C CYS C 119 -0.32 -22.43 16.46
N ASP C 120 -0.04 -22.84 15.22
CA ASP C 120 1.08 -23.73 14.96
C ASP C 120 2.43 -23.03 15.07
N LEU C 121 2.44 -21.71 15.21
CA LEU C 121 3.69 -20.96 15.24
C LEU C 121 4.28 -20.95 16.65
N PRO C 122 5.61 -21.02 16.77
CA PRO C 122 6.22 -21.02 18.10
C PRO C 122 6.29 -19.65 18.74
N SER C 123 6.20 -18.57 17.97
CA SER C 123 6.37 -17.20 18.49
C SER C 123 4.98 -16.59 18.69
N ARG C 124 4.36 -16.94 19.81
CA ARG C 124 3.09 -16.32 20.16
C ARG C 124 3.29 -14.89 20.64
N THR C 125 2.43 -14.00 20.18
CA THR C 125 2.39 -12.62 20.67
C THR C 125 1.18 -12.36 21.56
N VAL C 126 0.05 -12.99 21.29
CA VAL C 126 -1.15 -12.89 22.11
C VAL C 126 -1.39 -14.25 22.72
N ASP C 127 -1.15 -14.39 24.02
CA ASP C 127 -1.29 -15.67 24.67
C ASP C 127 -2.77 -15.99 24.90
N THR C 128 -3.02 -17.18 25.45
CA THR C 128 -4.40 -17.67 25.55
C THR C 128 -5.21 -16.85 26.54
N LYS C 129 -4.62 -16.51 27.70
CA LYS C 129 -5.37 -15.78 28.73
C LYS C 129 -5.83 -14.41 28.23
N GLN C 130 -5.05 -13.76 27.37
CA GLN C 130 -5.45 -12.46 26.84
C GLN C 130 -6.73 -12.59 26.02
N ALA C 131 -6.75 -13.52 25.07
CA ALA C 131 -7.92 -13.66 24.20
C ALA C 131 -9.10 -14.22 24.97
N GLN C 132 -8.85 -15.10 25.93
CA GLN C 132 -9.95 -15.62 26.77
C GLN C 132 -10.58 -14.49 27.58
N ASP C 133 -9.76 -13.60 28.14
CA ASP C 133 -10.29 -12.47 28.88
C ASP C 133 -11.04 -11.51 27.96
N LEU C 134 -10.52 -11.27 26.76
CA LEU C 134 -11.21 -10.41 25.81
C LEU C 134 -12.53 -11.03 25.36
N ALA C 135 -12.56 -12.35 25.19
CA ALA C 135 -13.79 -13.02 24.79
C ALA C 135 -14.86 -12.93 25.88
N ARG C 136 -14.46 -13.12 27.13
CA ARG C 136 -15.41 -12.94 28.24
C ARG C 136 -15.94 -11.53 28.29
N SER C 137 -15.07 -10.55 28.03
CA SER C 137 -15.51 -9.15 27.92
C SER C 137 -16.58 -9.00 26.85
N TYR C 138 -16.40 -9.65 25.70
CA TYR C 138 -17.40 -9.59 24.64
C TYR C 138 -18.63 -10.42 24.98
N GLY C 139 -18.45 -11.51 25.73
CA GLY C 139 -19.52 -12.46 25.94
C GLY C 139 -19.66 -13.52 24.87
N ILE C 140 -18.59 -13.78 24.12
CA ILE C 140 -18.63 -14.75 23.02
C ILE C 140 -17.55 -15.79 23.27
N PRO C 141 -17.67 -16.97 22.66
CA PRO C 141 -16.65 -18.01 22.83
C PRO C 141 -15.33 -17.62 22.16
N PHE C 142 -14.30 -18.36 22.53
CA PHE C 142 -12.97 -18.21 21.96
C PHE C 142 -12.44 -19.58 21.53
N ILE C 143 -11.93 -19.66 20.31
CA ILE C 143 -11.43 -20.90 19.73
C ILE C 143 -10.05 -20.66 19.15
N GLU C 144 -9.10 -21.52 19.51
CA GLU C 144 -7.76 -21.48 18.94
C GLU C 144 -7.70 -22.40 17.73
N THR C 145 -7.23 -21.87 16.60
CA THR C 145 -7.20 -22.62 15.35
C THR C 145 -5.83 -22.52 14.71
N SER C 146 -5.59 -23.43 13.77
CA SER C 146 -4.39 -23.39 12.94
C SER C 146 -4.80 -23.95 11.57
N ALA C 147 -5.03 -23.05 10.61
CA ALA C 147 -5.43 -23.47 9.28
C ALA C 147 -4.39 -24.33 8.58
N LYS C 148 -3.15 -24.35 9.09
CA LYS C 148 -2.12 -25.20 8.51
C LYS C 148 -2.36 -26.66 8.87
N THR C 149 -2.49 -26.96 10.16
CA THR C 149 -2.75 -28.31 10.63
C THR C 149 -4.23 -28.64 10.74
N ARG C 150 -5.10 -27.69 10.38
CA ARG C 150 -6.56 -27.86 10.45
C ARG C 150 -7.03 -28.14 11.88
N GLN C 151 -6.39 -27.52 12.86
CA GLN C 151 -6.82 -27.65 14.24
C GLN C 151 -7.98 -26.69 14.52
N GLY C 152 -9.07 -27.22 15.07
CA GLY C 152 -10.18 -26.40 15.50
C GLY C 152 -10.91 -25.65 14.40
N VAL C 153 -10.67 -25.99 13.14
CA VAL C 153 -11.36 -25.30 12.04
C VAL C 153 -12.86 -25.59 12.09
N ASP C 154 -13.22 -26.87 12.19
CA ASP C 154 -14.63 -27.23 12.32
C ASP C 154 -15.22 -26.69 13.62
N ASP C 155 -14.45 -26.78 14.72
CA ASP C 155 -14.94 -26.31 16.01
C ASP C 155 -15.25 -24.81 15.96
N ALA C 156 -14.43 -24.04 15.25
CA ALA C 156 -14.66 -22.60 15.16
C ALA C 156 -15.95 -22.31 14.40
N PHE C 157 -16.15 -22.97 13.27
CA PHE C 157 -17.37 -22.74 12.50
C PHE C 157 -18.57 -23.40 13.16
N TYR C 158 -18.37 -24.53 13.85
CA TYR C 158 -19.50 -25.21 14.51
C TYR C 158 -19.92 -24.48 15.78
N THR C 159 -19.05 -23.64 16.32
CA THR C 159 -19.42 -22.86 17.50
C THR C 159 -20.26 -21.64 17.11
N LEU C 160 -20.01 -21.08 15.92
CA LEU C 160 -20.64 -19.83 15.52
C LEU C 160 -22.13 -20.01 15.23
N VAL C 161 -22.46 -21.10 14.54
CA VAL C 161 -23.87 -21.46 14.21
C VAL C 161 -24.60 -21.69 15.55
N ARG C 162 -23.93 -22.37 16.49
CA ARG C 162 -24.55 -22.60 17.79
C ARG C 162 -24.90 -21.28 18.46
N GLU C 163 -24.03 -20.28 18.29
CA GLU C 163 -24.34 -18.94 18.78
C GLU C 163 -25.53 -18.35 18.02
N ILE C 164 -25.66 -18.67 16.74
CA ILE C 164 -26.80 -18.19 15.97
C ILE C 164 -28.07 -18.88 16.44
N ARG C 165 -28.00 -20.18 16.75
CA ARG C 165 -29.18 -20.90 17.21
C ARG C 165 -29.68 -20.33 18.54
N LYS C 166 -28.77 -20.13 19.50
CA LYS C 166 -29.17 -19.57 20.78
C LYS C 166 -29.77 -18.18 20.63
N HIS C 167 -29.30 -17.41 19.64
CA HIS C 167 -29.83 -16.08 19.39
C HIS C 167 -31.23 -16.12 18.80
N LYS C 168 -31.59 -17.20 18.11
CA LYS C 168 -32.89 -17.35 17.48
C LYS C 168 -33.94 -17.94 18.43
N GLU C 169 -33.62 -18.13 19.70
CA GLU C 169 -34.55 -18.79 20.62
C GLU C 169 -34.92 -17.92 21.83
ZN ZN D . 46.30 25.58 -18.29
C FMT E . 20.64 5.69 -19.58
O1 FMT E . 21.15 6.16 -20.60
O2 FMT E . 20.21 6.36 -18.65
C FMT F . -20.80 -3.06 -1.40
O1 FMT F . -19.96 -2.18 -1.27
O2 FMT F . -20.88 -3.79 -2.39
C FMT G . -11.75 3.90 -0.47
O1 FMT G . -11.52 3.88 -1.66
O2 FMT G . -12.97 3.59 -0.01
PG GNP H . -6.91 -11.17 3.37
O1G GNP H . -6.22 -10.18 2.58
O2G GNP H . -7.75 -10.44 4.28
O3G GNP H . -7.75 -12.00 2.48
N3B GNP H . -5.88 -12.09 4.16
PB GNP H . -6.34 -13.48 4.80
O1B GNP H . -6.68 -13.40 6.24
O2B GNP H . -7.33 -14.08 3.87
O3A GNP H . -5.15 -14.50 4.88
PA GNP H . -4.84 -15.78 4.00
O1A GNP H . -5.81 -16.85 4.29
O2A GNP H . -4.69 -15.32 2.60
O5' GNP H . -3.44 -16.22 4.58
C5' GNP H . -2.38 -15.27 4.50
C4' GNP H . -1.10 -15.93 4.86
O4' GNP H . -1.27 -16.55 6.15
C3' GNP H . -0.63 -17.07 3.93
O3' GNP H . 0.78 -17.05 3.88
C2' GNP H . -1.02 -18.32 4.72
O2' GNP H . -0.24 -19.43 4.38
C1' GNP H . -0.74 -17.83 6.13
N9 GNP H . -1.45 -18.59 7.14
C8 GNP H . -2.81 -18.58 7.34
N7 GNP H . -3.19 -19.34 8.33
C5 GNP H . -2.01 -19.89 8.81
C6 GNP H . -1.81 -20.79 9.88
O6 GNP H . -2.65 -21.29 10.62
N1 GNP H . -0.47 -21.09 10.05
C2 GNP H . 0.54 -20.58 9.28
N2 GNP H . 1.77 -20.99 9.57
N3 GNP H . 0.36 -19.73 8.27
C4 GNP H . -0.94 -19.43 8.09
MG MG I . -8.64 -13.80 2.08
C FMT J . -21.89 -7.45 26.40
O1 FMT J . -20.94 -7.31 25.65
O2 FMT J . -22.00 -8.38 27.22
#